data_5YNO
#
_entry.id   5YNO
#
_cell.length_a   67.193
_cell.length_b   70.186
_cell.length_c   119.353
_cell.angle_alpha   90.00
_cell.angle_beta   90.00
_cell.angle_gamma   90.00
#
_symmetry.space_group_name_H-M   'P 21 2 21'
#
loop_
_entity.id
_entity.type
_entity.pdbx_description
1 polymer 'nsp16 protein'
2 polymer 'nsp10 protein'
3 non-polymer S-ADENOSYL-L-HOMOCYSTEINE
4 non-polymer "P1-7-METHYLGUANOSINE-P3-ADENOSINE-5',5'-TRIPHOSPHATE"
5 non-polymer 'ZINC ION'
6 water water
#
loop_
_entity_poly.entity_id
_entity_poly.type
_entity_poly.pdbx_seq_one_letter_code
_entity_poly.pdbx_strand_id
1 'polypeptide(L)'
;ASADWKPGHAMPSLFKVQNVNLERCELANYKQSIPMPRGVHMNIAKYMQLCQYLNTCTLAVPANMRVIHFGAGSDKGIAP
GTSVLRQWLPTDAIIIDNDLNEFVSDADITLFGDCVTVRVGQQVDLVISDMYDPTTKNVTGSNESKALFFTYLCNLINNN
LALGGSVAIKITEHSWSVELYELMGKFAWWTVFCTNANASSSEGFLLGINYLGTIKENIDGGAMHANYIFWRNSTPMNLS
TYSLFDLSKFQLKLKGTPVLQLKESQINELVISLLSQGKLLIRDNDTLSVSTDVLVNTYRKLR
;
A
2 'polypeptide(L)'
;AGSNTEFASNSSVLSLVNFTVDPQKAYLDFVNAGGAPLTNCVKMLTPKTGTGIAISVKPESTADQETYGGASVCLYCRAH
IEHPDVSGVCKYKGKFVQIPAQCVRDPVGFCLSNTPCNVCQYWIGYGCNCDSLRQAALPQ
;
B
#
loop_
_chem_comp.id
_chem_comp.type
_chem_comp.name
_chem_comp.formula
GTA non-polymer P1-7-METHYLGUANOSINE-P3-ADENOSINE-5',5'-TRIPHOSPHATE 'C21 H30 N10 O17 P3 1'
ZN non-polymer 'ZINC ION' 'Zn 2'
#
# COMPACT_ATOMS: atom_id res chain seq x y z
N ALA A 1 -19.58 14.55 14.80
CA ALA A 1 -19.29 13.66 13.67
C ALA A 1 -17.90 13.04 13.81
N SER A 2 -17.55 12.70 15.07
CA SER A 2 -16.21 12.22 15.40
C SER A 2 -15.69 11.20 14.41
N ALA A 3 -16.52 10.21 14.08
CA ALA A 3 -16.00 9.11 13.27
C ALA A 3 -15.57 9.59 11.89
N ASP A 4 -16.17 10.68 11.40
CA ASP A 4 -15.80 11.20 10.08
C ASP A 4 -14.34 11.62 10.03
N TRP A 5 -13.79 12.05 11.17
CA TRP A 5 -12.41 12.47 11.27
C TRP A 5 -11.46 11.32 11.57
N LYS A 6 -11.97 10.16 11.94
CA LYS A 6 -11.14 8.97 12.02
C LYS A 6 -10.85 8.44 10.62
N PRO A 7 -9.77 7.67 10.45
CA PRO A 7 -9.49 7.08 9.12
C PRO A 7 -10.49 6.01 8.69
N GLY A 8 -11.26 5.46 9.63
CA GLY A 8 -12.22 4.42 9.31
C GLY A 8 -12.70 3.77 10.60
N HIS A 9 -13.33 2.60 10.47
CA HIS A 9 -13.94 1.88 11.58
C HIS A 9 -13.29 0.52 11.73
N ALA A 10 -13.01 0.14 12.98
CA ALA A 10 -12.46 -1.17 13.31
C ALA A 10 -13.51 -2.03 13.99
N MET A 11 -13.61 -3.28 13.58
CA MET A 11 -14.61 -4.20 14.13
C MET A 11 -14.48 -4.34 15.65
N PRO A 12 -15.52 -4.00 16.43
CA PRO A 12 -15.39 -4.07 17.90
C PRO A 12 -15.61 -5.47 18.42
N SER A 13 -15.10 -5.69 19.64
CA SER A 13 -15.35 -6.97 20.28
C SER A 13 -16.85 -7.25 20.43
N LEU A 14 -17.68 -6.19 20.49
CA LEU A 14 -19.14 -6.38 20.55
C LEU A 14 -19.63 -7.32 19.46
N PHE A 15 -19.06 -7.20 18.25
CA PHE A 15 -19.47 -8.08 17.16
C PHE A 15 -18.59 -9.32 17.02
N LYS A 16 -17.35 -9.26 17.51
CA LYS A 16 -16.49 -10.44 17.49
C LYS A 16 -17.10 -11.60 18.28
N VAL A 17 -17.81 -11.30 19.37
CA VAL A 17 -18.30 -12.36 20.25
C VAL A 17 -19.70 -12.84 19.91
N GLN A 18 -20.31 -12.33 18.84
CA GLN A 18 -21.66 -12.74 18.48
C GLN A 18 -21.65 -14.13 17.85
N ASN A 19 -22.85 -14.69 17.66
CA ASN A 19 -22.96 -16.00 17.02
C ASN A 19 -24.23 -16.02 16.19
N VAL A 20 -24.06 -15.87 14.87
CA VAL A 20 -25.15 -15.58 13.95
C VAL A 20 -24.88 -16.34 12.67
N ASN A 21 -25.92 -16.44 11.85
CA ASN A 21 -25.73 -17.03 10.54
C ASN A 21 -25.10 -16.01 9.61
N LEU A 22 -24.42 -16.51 8.58
CA LEU A 22 -23.89 -15.63 7.56
C LEU A 22 -25.04 -15.12 6.70
N GLU A 23 -25.26 -13.81 6.72
CA GLU A 23 -26.33 -13.20 5.94
C GLU A 23 -25.75 -12.42 4.76
N ARG A 24 -26.63 -12.00 3.85
CA ARG A 24 -26.21 -11.11 2.77
C ARG A 24 -25.79 -9.77 3.35
N CYS A 25 -24.77 -9.15 2.76
CA CYS A 25 -24.35 -7.82 3.16
C CYS A 25 -25.15 -6.78 2.40
N GLU A 26 -25.77 -5.87 3.14
CA GLU A 26 -26.65 -4.86 2.55
C GLU A 26 -26.29 -3.49 3.13
N LEU A 27 -25.46 -2.75 2.41
CA LEU A 27 -25.04 -1.44 2.87
C LEU A 27 -25.96 -0.36 2.31
N ALA A 28 -26.35 0.59 3.17
CA ALA A 28 -27.32 1.59 2.76
C ALA A 28 -26.76 2.49 1.67
N ASN A 29 -25.47 2.81 1.73
CA ASN A 29 -24.86 3.69 0.74
C ASN A 29 -24.09 2.93 -0.34
N TYR A 30 -24.39 1.64 -0.54
CA TYR A 30 -23.59 0.74 -1.37
C TYR A 30 -23.16 1.38 -2.69
N LYS A 31 -21.87 1.29 -2.98
CA LYS A 31 -21.21 1.73 -4.20
C LYS A 31 -21.33 3.23 -4.45
N GLN A 32 -21.80 4.00 -3.47
CA GLN A 32 -21.62 5.45 -3.55
C GLN A 32 -20.13 5.76 -3.48
N SER A 33 -19.72 6.77 -4.23
CA SER A 33 -18.32 7.18 -4.29
C SER A 33 -18.15 8.56 -3.67
N ILE A 34 -16.98 8.78 -3.10
CA ILE A 34 -16.71 10.15 -2.67
C ILE A 34 -15.77 10.80 -3.66
N PRO A 35 -15.95 12.07 -3.99
CA PRO A 35 -14.97 12.71 -4.88
C PRO A 35 -13.64 12.85 -4.15
N MET A 36 -12.58 12.72 -4.90
CA MET A 36 -11.23 12.96 -4.42
C MET A 36 -10.72 14.28 -4.96
N PRO A 37 -9.76 14.91 -4.28
CA PRO A 37 -9.11 16.07 -4.92
C PRO A 37 -8.45 15.67 -6.26
N VAL A 40 -6.33 12.91 -7.91
CA VAL A 40 -5.84 11.99 -6.84
C VAL A 40 -6.62 10.67 -6.84
N HIS A 41 -5.94 9.55 -7.14
CA HIS A 41 -6.59 8.25 -7.18
C HIS A 41 -7.24 7.93 -5.83
N MET A 42 -8.42 7.30 -5.88
CA MET A 42 -9.11 6.91 -4.65
C MET A 42 -8.22 6.03 -3.79
N ASN A 43 -7.46 5.11 -4.41
CA ASN A 43 -6.59 4.24 -3.64
C ASN A 43 -5.50 5.00 -2.89
N ILE A 44 -5.20 6.25 -3.26
CA ILE A 44 -4.33 7.05 -2.40
C ILE A 44 -4.96 7.24 -1.03
N ALA A 45 -6.25 7.60 -1.01
CA ALA A 45 -6.89 7.90 0.26
C ALA A 45 -7.18 6.62 1.02
N LYS A 46 -7.50 5.54 0.30
CA LYS A 46 -7.73 4.26 0.94
C LYS A 46 -6.47 3.80 1.67
N TYR A 47 -5.34 3.81 0.98
CA TYR A 47 -4.12 3.31 1.59
C TYR A 47 -3.63 4.21 2.71
N MET A 48 -3.82 5.53 2.57
CA MET A 48 -3.37 6.42 3.63
C MET A 48 -4.19 6.20 4.90
N GLN A 49 -5.50 5.95 4.74
CA GLN A 49 -6.35 5.68 5.89
C GLN A 49 -5.97 4.37 6.57
N LEU A 50 -5.66 3.34 5.79
CA LEU A 50 -5.16 2.11 6.39
C LEU A 50 -3.88 2.36 7.17
N CYS A 51 -2.94 3.09 6.56
CA CYS A 51 -1.71 3.46 7.24
C CYS A 51 -1.99 4.25 8.53
N GLN A 52 -2.92 5.20 8.49
CA GLN A 52 -3.26 5.96 9.69
C GLN A 52 -3.76 5.03 10.80
N TYR A 53 -4.57 4.05 10.45
CA TYR A 53 -5.05 3.14 11.46
C TYR A 53 -3.93 2.28 12.02
N LEU A 54 -3.05 1.79 11.14
CA LEU A 54 -1.87 1.06 11.60
C LEU A 54 -0.95 1.93 12.43
N ASN A 55 -0.95 3.26 12.21
CA ASN A 55 -0.21 4.13 13.14
C ASN A 55 -0.72 4.02 14.57
N THR A 56 -1.97 3.57 14.77
CA THR A 56 -2.44 3.38 16.15
C THR A 56 -2.22 1.97 16.66
N CYS A 57 -1.61 1.08 15.87
CA CYS A 57 -1.40 -0.31 16.27
C CYS A 57 0.05 -0.48 16.71
N THR A 58 0.31 -1.58 17.44
CA THR A 58 1.66 -1.83 17.96
C THR A 58 2.57 -2.47 16.90
N LEU A 59 2.68 -1.80 15.75
CA LEU A 59 3.49 -2.35 14.66
C LEU A 59 4.97 -2.37 15.05
N ALA A 60 5.64 -3.44 14.68
CA ALA A 60 7.10 -3.48 14.79
C ALA A 60 7.72 -2.76 13.61
N VAL A 61 8.63 -1.83 13.88
CA VAL A 61 9.21 -0.96 12.85
C VAL A 61 10.74 -0.99 12.95
N PRO A 62 11.40 -1.99 12.39
CA PRO A 62 12.85 -2.10 12.50
C PRO A 62 13.55 -1.26 11.44
N ALA A 63 14.87 -1.20 11.56
CA ALA A 63 15.70 -0.81 10.43
C ALA A 63 15.56 -1.86 9.32
N ASN A 64 15.72 -1.41 8.07
CA ASN A 64 15.65 -2.32 6.91
C ASN A 64 14.37 -3.14 6.92
N MET A 65 13.27 -2.49 7.30
CA MET A 65 11.97 -3.17 7.43
C MET A 65 11.57 -3.85 6.13
N ARG A 66 11.08 -5.10 6.24
CA ARG A 66 10.75 -5.93 5.07
C ARG A 66 9.24 -5.93 4.84
N VAL A 67 8.80 -5.28 3.77
CA VAL A 67 7.38 -5.11 3.49
C VAL A 67 7.08 -5.71 2.13
N ILE A 68 6.08 -6.59 2.06
CA ILE A 68 5.66 -7.13 0.77
C ILE A 68 4.22 -6.70 0.52
N HIS A 69 3.96 -6.25 -0.71
CA HIS A 69 2.67 -5.66 -1.09
C HIS A 69 2.12 -6.43 -2.28
N PHE A 70 1.11 -7.26 -2.04
CA PHE A 70 0.48 -8.06 -3.09
C PHE A 70 -0.74 -7.35 -3.63
N GLY A 71 -1.01 -7.58 -4.91
CA GLY A 71 -2.16 -6.93 -5.52
C GLY A 71 -1.93 -5.45 -5.70
N ALA A 72 -0.69 -5.06 -6.01
CA ALA A 72 -0.33 -3.64 -6.03
C ALA A 72 -0.65 -2.95 -7.34
N GLY A 73 -0.97 -3.70 -8.41
CA GLY A 73 -1.20 -3.08 -9.70
C GLY A 73 -2.64 -2.58 -9.89
N SER A 74 -2.81 -1.67 -10.84
CA SER A 74 -4.14 -1.23 -11.25
C SER A 74 -4.28 -1.42 -12.76
N ASP A 75 -5.53 -1.35 -13.24
CA ASP A 75 -5.74 -1.41 -14.69
C ASP A 75 -5.16 -0.20 -15.42
N LYS A 76 -4.54 0.74 -14.71
CA LYS A 76 -3.88 1.89 -15.31
C LYS A 76 -2.37 1.70 -15.44
N GLY A 77 -1.82 0.58 -14.96
CA GLY A 77 -0.40 0.35 -15.06
C GLY A 77 0.45 1.01 -13.99
N ILE A 78 -0.16 1.56 -12.94
CA ILE A 78 0.51 2.27 -11.86
C ILE A 78 0.11 1.63 -10.53
N ALA A 79 0.69 2.11 -9.43
CA ALA A 79 0.52 1.47 -8.12
C ALA A 79 0.39 2.52 -7.03
N PRO A 80 -0.77 3.17 -6.92
CA PRO A 80 -0.88 4.28 -5.96
C PRO A 80 -0.61 3.84 -4.53
N GLY A 81 -1.09 2.64 -4.16
CA GLY A 81 -0.84 2.12 -2.81
C GLY A 81 0.63 1.97 -2.49
N THR A 82 1.42 1.44 -3.43
CA THR A 82 2.86 1.33 -3.17
C THR A 82 3.50 2.68 -2.90
N SER A 83 3.08 3.72 -3.63
CA SER A 83 3.67 5.04 -3.40
C SER A 83 3.30 5.55 -2.01
N VAL A 84 2.05 5.33 -1.60
CA VAL A 84 1.65 5.66 -0.23
C VAL A 84 2.52 4.91 0.76
N LEU A 85 2.78 3.63 0.51
CA LEU A 85 3.65 2.87 1.41
C LEU A 85 5.04 3.50 1.45
N ARG A 86 5.54 3.93 0.30
CA ARG A 86 6.82 4.63 0.25
C ARG A 86 6.78 5.91 1.08
N GLN A 87 5.69 6.65 0.99
CA GLN A 87 5.58 7.88 1.77
C GLN A 87 5.48 7.60 3.26
N TRP A 88 4.85 6.47 3.63
CA TRP A 88 4.52 6.17 5.02
C TRP A 88 5.69 5.55 5.78
N LEU A 89 6.34 4.55 5.17
CA LEU A 89 7.34 3.71 5.81
C LEU A 89 8.67 4.44 5.99
N PRO A 90 9.56 3.91 6.83
CA PRO A 90 10.92 4.48 6.94
C PRO A 90 11.63 4.45 5.60
N THR A 91 12.54 5.43 5.41
CA THR A 91 13.26 5.57 4.15
C THR A 91 14.07 4.33 3.80
N ASP A 92 14.54 3.60 4.81
CA ASP A 92 15.34 2.41 4.58
C ASP A 92 14.50 1.14 4.55
N ALA A 93 13.16 1.26 4.48
CA ALA A 93 12.33 0.07 4.36
C ALA A 93 12.43 -0.50 2.95
N ILE A 94 12.38 -1.82 2.84
CA ILE A 94 12.44 -2.50 1.55
C ILE A 94 11.00 -2.83 1.16
N ILE A 95 10.54 -2.31 0.03
CA ILE A 95 9.20 -2.65 -0.46
C ILE A 95 9.34 -3.59 -1.65
N ILE A 96 8.70 -4.76 -1.55
CA ILE A 96 8.51 -5.66 -2.67
C ILE A 96 7.02 -5.65 -3.02
N ASP A 97 6.69 -5.37 -4.28
CA ASP A 97 5.29 -5.50 -4.66
C ASP A 97 5.11 -6.47 -5.83
N ASN A 98 3.85 -6.80 -6.07
CA ASN A 98 3.54 -7.92 -6.95
C ASN A 98 2.11 -7.75 -7.44
N ASP A 99 1.86 -8.21 -8.66
CA ASP A 99 0.50 -8.26 -9.19
C ASP A 99 0.50 -9.18 -10.41
N LEU A 100 -0.68 -9.69 -10.75
CA LEU A 100 -0.80 -10.51 -11.97
C LEU A 100 -0.40 -9.72 -13.20
N ASN A 101 -0.79 -8.44 -13.26
CA ASN A 101 -0.62 -7.64 -14.45
C ASN A 101 0.56 -6.69 -14.33
N GLU A 102 1.09 -6.30 -15.48
CA GLU A 102 2.22 -5.39 -15.55
C GLU A 102 1.86 -4.03 -14.95
N PHE A 103 2.81 -3.43 -14.25
CA PHE A 103 2.65 -2.08 -13.71
C PHE A 103 4.05 -1.55 -13.44
N VAL A 104 4.13 -0.27 -13.07
CA VAL A 104 5.38 0.29 -12.60
C VAL A 104 5.11 1.08 -11.31
N SER A 105 6.09 1.04 -10.40
CA SER A 105 5.85 1.48 -9.03
C SER A 105 7.16 1.97 -8.42
N ASP A 106 7.02 2.55 -7.24
CA ASP A 106 8.16 3.02 -6.46
C ASP A 106 8.67 1.98 -5.48
N ALA A 107 8.30 0.72 -5.70
CA ALA A 107 8.86 -0.36 -4.90
C ALA A 107 10.34 -0.54 -5.20
N ASP A 108 11.04 -1.17 -4.25
CA ASP A 108 12.42 -1.62 -4.49
C ASP A 108 12.46 -2.79 -5.46
N ILE A 109 11.50 -3.71 -5.35
CA ILE A 109 11.44 -4.91 -6.18
C ILE A 109 10.01 -5.09 -6.66
N THR A 110 9.83 -5.28 -7.96
CA THR A 110 8.50 -5.45 -8.53
C THR A 110 8.45 -6.75 -9.32
N LEU A 111 7.55 -7.65 -8.93
CA LEU A 111 7.43 -8.97 -9.54
C LEU A 111 6.05 -9.12 -10.17
N PHE A 112 6.03 -9.54 -11.44
CA PHE A 112 4.81 -9.77 -12.20
C PHE A 112 4.44 -11.25 -12.17
N GLY A 113 3.14 -11.53 -12.24
CA GLY A 113 2.65 -12.89 -12.22
C GLY A 113 1.86 -13.19 -10.95
N ASP A 114 1.28 -14.40 -10.94
CA ASP A 114 0.53 -14.91 -9.79
C ASP A 114 1.34 -14.76 -8.51
N CYS A 115 0.69 -14.35 -7.42
CA CYS A 115 1.43 -14.20 -6.16
C CYS A 115 2.12 -15.51 -5.79
N VAL A 116 1.60 -16.65 -6.25
CA VAL A 116 2.20 -17.94 -5.96
C VAL A 116 3.61 -18.05 -6.53
N THR A 117 3.90 -17.30 -7.58
CA THR A 117 5.25 -17.30 -8.11
C THR A 117 6.21 -16.48 -7.27
N VAL A 118 5.75 -15.80 -6.22
CA VAL A 118 6.60 -14.92 -5.42
C VAL A 118 7.24 -15.76 -4.32
N ARG A 119 8.52 -16.08 -4.49
CA ARG A 119 9.25 -16.95 -3.57
C ARG A 119 10.03 -16.07 -2.61
N VAL A 120 9.65 -16.07 -1.33
CA VAL A 120 10.34 -15.28 -0.33
C VAL A 120 11.26 -16.22 0.44
N GLY A 121 12.57 -15.99 0.30
CA GLY A 121 13.54 -16.86 0.95
C GLY A 121 13.57 -16.68 2.46
N GLN A 122 13.25 -15.48 2.94
CA GLN A 122 13.40 -15.13 4.34
C GLN A 122 12.02 -14.83 4.96
N GLN A 123 12.03 -14.27 6.16
CA GLN A 123 10.81 -13.82 6.80
C GLN A 123 10.68 -12.31 6.65
N VAL A 124 9.45 -11.82 6.46
CA VAL A 124 9.21 -10.41 6.30
C VAL A 124 8.53 -9.87 7.55
N ASP A 125 8.41 -8.53 7.61
CA ASP A 125 7.92 -7.84 8.80
C ASP A 125 6.49 -7.36 8.65
N LEU A 126 6.04 -7.13 7.43
CA LEU A 126 4.71 -6.59 7.19
C LEU A 126 4.24 -7.09 5.83
N VAL A 127 3.04 -7.64 5.78
CA VAL A 127 2.42 -8.07 4.53
C VAL A 127 1.17 -7.21 4.33
N ILE A 128 1.11 -6.51 3.19
CA ILE A 128 -0.10 -5.83 2.73
C ILE A 128 -0.62 -6.56 1.51
N SER A 129 -1.89 -6.95 1.55
CA SER A 129 -2.52 -7.55 0.37
C SER A 129 -3.79 -6.79 0.01
N ASP A 130 -3.88 -6.38 -1.24
CA ASP A 130 -5.10 -5.80 -1.80
C ASP A 130 -5.64 -6.70 -2.90
N MET A 131 -5.21 -7.96 -2.91
CA MET A 131 -5.64 -8.86 -3.96
C MET A 131 -7.13 -9.11 -3.88
N TYR A 132 -7.72 -9.29 -5.06
CA TYR A 132 -9.12 -9.63 -5.25
C TYR A 132 -9.24 -10.27 -6.62
N ASP A 133 -9.84 -11.45 -6.68
CA ASP A 133 -9.95 -12.19 -7.92
C ASP A 133 -11.22 -11.78 -8.65
N PRO A 134 -11.14 -11.31 -9.90
CA PRO A 134 -12.36 -10.92 -10.64
C PRO A 134 -13.50 -11.94 -10.61
N THR A 135 -13.20 -13.24 -10.56
CA THR A 135 -14.27 -14.24 -10.61
C THR A 135 -15.15 -14.21 -9.36
N THR A 136 -14.68 -13.63 -8.27
CA THR A 136 -15.52 -13.52 -7.08
C THR A 136 -16.80 -12.74 -7.36
N LYS A 137 -16.81 -11.90 -8.41
CA LYS A 137 -18.01 -11.21 -8.83
C LYS A 137 -19.09 -12.14 -9.42
N ASN A 138 -18.76 -13.40 -9.74
CA ASN A 138 -19.77 -14.32 -10.28
C ASN A 138 -20.42 -15.05 -9.10
N VAL A 139 -21.34 -14.37 -8.43
CA VAL A 139 -22.00 -14.92 -7.25
C VAL A 139 -23.06 -15.90 -7.72
N THR A 140 -22.84 -17.18 -7.42
CA THR A 140 -23.85 -18.22 -7.62
C THR A 140 -23.93 -19.05 -6.35
N GLY A 141 -25.13 -19.16 -5.78
CA GLY A 141 -25.32 -20.03 -4.64
C GLY A 141 -24.68 -19.50 -3.37
N SER A 142 -24.34 -20.44 -2.48
CA SER A 142 -23.86 -20.09 -1.15
C SER A 142 -22.56 -19.30 -1.21
N ASN A 143 -22.42 -18.35 -0.29
CA ASN A 143 -21.18 -17.60 -0.10
C ASN A 143 -20.30 -18.44 0.82
N GLU A 144 -19.42 -19.23 0.21
CA GLU A 144 -18.57 -20.16 0.92
C GLU A 144 -17.15 -19.62 1.04
N SER A 145 -16.41 -20.16 2.00
CA SER A 145 -15.00 -19.79 2.13
C SER A 145 -14.28 -19.98 0.81
N LYS A 146 -13.38 -19.08 0.50
CA LYS A 146 -12.68 -19.06 -0.78
C LYS A 146 -11.25 -19.54 -0.59
N ALA A 147 -10.71 -20.15 -1.64
CA ALA A 147 -9.29 -20.53 -1.66
C ALA A 147 -8.51 -19.44 -2.37
N LEU A 148 -8.42 -19.50 -3.71
CA LEU A 148 -7.75 -18.44 -4.47
C LEU A 148 -6.36 -18.16 -3.91
N PHE A 149 -5.96 -16.89 -3.79
CA PHE A 149 -4.67 -16.51 -3.24
C PHE A 149 -4.60 -16.63 -1.72
N PHE A 150 -5.72 -16.92 -1.05
CA PHE A 150 -5.69 -17.03 0.40
C PHE A 150 -4.86 -18.23 0.83
N THR A 151 -4.83 -19.30 0.03
CA THR A 151 -4.02 -20.46 0.39
C THR A 151 -2.55 -20.06 0.51
N TYR A 152 -2.06 -19.33 -0.49
CA TYR A 152 -0.70 -18.78 -0.48
C TYR A 152 -0.48 -17.87 0.73
N LEU A 153 -1.41 -16.95 0.99
CA LEU A 153 -1.19 -16.02 2.10
C LEU A 153 -1.15 -16.77 3.44
N CYS A 154 -2.02 -17.75 3.61
CA CYS A 154 -2.04 -18.50 4.87
C CYS A 154 -0.72 -19.23 5.10
N ASN A 155 -0.20 -19.87 4.04
CA ASN A 155 1.09 -20.51 4.16
C ASN A 155 2.20 -19.49 4.43
N LEU A 156 2.10 -18.31 3.82
CA LEU A 156 3.07 -17.24 4.09
C LEU A 156 3.08 -16.87 5.57
N ILE A 157 1.91 -16.63 6.13
CA ILE A 157 1.83 -16.30 7.56
C ILE A 157 2.50 -17.39 8.40
N ASN A 158 2.28 -18.65 8.04
CA ASN A 158 2.82 -19.73 8.88
C ASN A 158 4.32 -19.95 8.70
N ASN A 159 4.92 -19.45 7.62
CA ASN A 159 6.32 -19.79 7.33
C ASN A 159 7.23 -18.59 7.12
N ASN A 160 6.73 -17.51 6.53
CA ASN A 160 7.60 -16.44 6.05
C ASN A 160 7.29 -15.11 6.71
N LEU A 161 6.69 -15.13 7.90
CA LEU A 161 6.37 -13.93 8.66
C LEU A 161 7.14 -13.95 9.99
N ALA A 162 7.89 -12.89 10.25
CA ALA A 162 8.61 -12.81 11.53
C ALA A 162 7.64 -12.84 12.69
N LEU A 163 8.08 -13.47 13.79
CA LEU A 163 7.41 -13.24 15.05
C LEU A 163 7.47 -11.75 15.34
N GLY A 164 6.33 -11.16 15.69
CA GLY A 164 6.20 -9.74 15.86
C GLY A 164 5.70 -9.04 14.62
N GLY A 165 5.74 -9.71 13.46
CA GLY A 165 5.31 -9.09 12.23
C GLY A 165 3.80 -8.99 12.14
N SER A 166 3.33 -8.23 11.15
CA SER A 166 1.91 -7.97 11.04
C SER A 166 1.45 -8.14 9.60
N VAL A 167 0.13 -8.22 9.43
CA VAL A 167 -0.48 -8.34 8.12
C VAL A 167 -1.73 -7.48 8.05
N ALA A 168 -2.07 -7.07 6.83
CA ALA A 168 -3.28 -6.33 6.53
C ALA A 168 -3.75 -6.88 5.20
N ILE A 169 -4.86 -7.63 5.20
CA ILE A 169 -5.27 -8.42 4.02
C ILE A 169 -6.70 -8.08 3.64
N LYS A 170 -6.88 -7.63 2.40
CA LYS A 170 -8.19 -7.13 1.98
C LYS A 170 -9.15 -8.29 1.80
N ILE A 171 -10.34 -8.15 2.39
CA ILE A 171 -11.42 -9.08 2.20
C ILE A 171 -12.66 -8.29 1.80
N THR A 172 -13.67 -8.99 1.32
CA THR A 172 -14.97 -8.41 1.04
C THR A 172 -16.01 -9.39 1.52
N GLU A 173 -17.28 -9.06 1.25
CA GLU A 173 -18.35 -9.97 1.60
C GLU A 173 -18.12 -11.36 1.04
N HIS A 174 -17.72 -11.45 -0.24
CA HIS A 174 -17.52 -12.73 -0.91
C HIS A 174 -16.07 -13.14 -1.08
N SER A 175 -15.11 -12.25 -0.87
CA SER A 175 -13.70 -12.60 -1.01
C SER A 175 -13.15 -12.75 0.40
N TRP A 176 -13.15 -13.97 0.91
CA TRP A 176 -12.77 -14.21 2.30
C TRP A 176 -12.42 -15.69 2.47
N SER A 177 -11.82 -16.01 3.62
CA SER A 177 -11.25 -17.33 3.84
C SER A 177 -11.42 -17.73 5.29
N VAL A 178 -11.97 -18.93 5.53
CA VAL A 178 -12.10 -19.42 6.90
C VAL A 178 -10.71 -19.54 7.53
N GLU A 179 -9.75 -20.10 6.79
CA GLU A 179 -8.42 -20.35 7.33
C GLU A 179 -7.71 -19.06 7.73
N LEU A 180 -7.86 -18.00 6.91
CA LEU A 180 -7.21 -16.75 7.26
C LEU A 180 -7.77 -16.17 8.58
N TYR A 181 -9.10 -16.19 8.74
CA TYR A 181 -9.67 -15.71 10.01
C TYR A 181 -9.09 -16.48 11.19
N GLU A 182 -9.02 -17.81 11.07
CA GLU A 182 -8.49 -18.63 12.16
C GLU A 182 -7.04 -18.28 12.45
N LEU A 183 -6.25 -17.96 11.41
CA LEU A 183 -4.85 -17.57 11.66
C LEU A 183 -4.72 -16.25 12.40
N MET A 184 -5.75 -15.38 12.36
CA MET A 184 -5.70 -14.18 13.19
C MET A 184 -5.55 -14.52 14.67
N GLY A 185 -5.97 -15.73 15.07
CA GLY A 185 -5.81 -16.18 16.46
C GLY A 185 -4.37 -16.44 16.88
N LYS A 186 -3.43 -16.38 15.94
CA LYS A 186 -2.02 -16.55 16.23
C LYS A 186 -1.28 -15.22 16.32
N PHE A 187 -2.01 -14.12 16.35
CA PHE A 187 -1.42 -12.81 16.59
C PHE A 187 -1.80 -12.32 17.98
N ALA A 188 -1.05 -11.34 18.46
CA ALA A 188 -1.37 -10.72 19.74
C ALA A 188 -2.73 -10.05 19.71
N TRP A 189 -3.14 -9.52 18.55
CA TRP A 189 -4.42 -8.83 18.40
C TRP A 189 -4.80 -8.82 16.92
N TRP A 190 -6.09 -8.64 16.65
CA TRP A 190 -6.60 -8.70 15.28
C TRP A 190 -7.88 -7.89 15.23
N THR A 191 -8.23 -7.43 14.02
CA THR A 191 -9.53 -6.78 13.80
C THR A 191 -9.77 -6.77 12.29
N VAL A 192 -10.92 -6.23 11.88
CA VAL A 192 -11.13 -5.83 10.50
C VAL A 192 -11.28 -4.32 10.47
N PHE A 193 -10.55 -3.66 9.56
CA PHE A 193 -10.56 -2.21 9.46
C PHE A 193 -11.16 -1.79 8.13
N CYS A 194 -12.16 -0.89 8.17
CA CYS A 194 -12.84 -0.40 6.97
C CYS A 194 -12.55 1.08 6.82
N THR A 195 -11.90 1.47 5.72
CA THR A 195 -11.59 2.87 5.50
C THR A 195 -12.86 3.69 5.32
N ASN A 196 -12.81 4.93 5.80
CA ASN A 196 -13.91 5.85 5.54
C ASN A 196 -13.99 6.23 4.06
N ALA A 197 -12.86 6.19 3.35
CA ALA A 197 -12.88 6.59 1.94
C ALA A 197 -13.65 5.60 1.08
N ASN A 198 -13.74 4.35 1.54
CA ASN A 198 -14.44 3.29 0.83
C ASN A 198 -15.48 2.65 1.73
N ALA A 199 -16.12 3.46 2.59
CA ALA A 199 -17.07 2.92 3.55
C ALA A 199 -18.28 2.28 2.89
N SER A 200 -18.57 2.64 1.64
CA SER A 200 -19.75 2.12 0.94
C SER A 200 -19.52 0.74 0.34
N SER A 201 -18.37 0.13 0.60
CA SER A 201 -17.99 -1.18 0.09
C SER A 201 -17.95 -2.16 1.25
N SER A 202 -18.23 -3.45 0.99
CA SER A 202 -18.03 -4.46 2.03
C SER A 202 -16.56 -4.81 2.22
N GLU A 203 -15.67 -4.17 1.48
CA GLU A 203 -14.24 -4.31 1.72
C GLU A 203 -13.87 -4.00 3.17
N GLY A 204 -12.90 -4.76 3.68
CA GLY A 204 -12.24 -4.46 4.92
C GLY A 204 -10.86 -5.07 4.88
N PHE A 205 -9.95 -4.52 5.68
CA PHE A 205 -8.62 -5.10 5.79
C PHE A 205 -8.55 -5.92 7.07
N LEU A 206 -8.40 -7.23 6.90
CA LEU A 206 -8.22 -8.14 8.03
C LEU A 206 -6.81 -7.94 8.56
N LEU A 207 -6.70 -7.47 9.80
CA LEU A 207 -5.43 -7.09 10.40
C LEU A 207 -5.01 -8.12 11.44
N GLY A 208 -3.83 -8.70 11.25
CA GLY A 208 -3.19 -9.42 12.33
C GLY A 208 -1.98 -8.65 12.83
N ILE A 209 -1.99 -8.28 14.11
CA ILE A 209 -0.97 -7.41 14.69
C ILE A 209 -0.10 -8.22 15.65
N ASN A 210 1.19 -8.37 15.28
CA ASN A 210 2.26 -8.99 16.07
C ASN A 210 2.10 -10.51 16.10
N TYR A 211 2.69 -11.18 15.10
CA TYR A 211 2.57 -12.63 14.97
C TYR A 211 3.29 -13.33 16.12
N LEU A 212 2.61 -14.30 16.74
CA LEU A 212 3.16 -15.05 17.86
C LEU A 212 3.49 -16.50 17.53
N GLY A 213 3.04 -17.01 16.38
CA GLY A 213 3.38 -18.37 15.99
C GLY A 213 2.69 -19.45 16.80
N THR A 214 1.74 -19.08 17.64
CA THR A 214 1.07 -20.00 18.53
C THR A 214 -0.35 -19.49 18.67
N ILE A 215 -1.28 -20.40 18.97
CA ILE A 215 -2.70 -20.06 19.03
C ILE A 215 -2.98 -19.33 20.32
N LYS A 216 -3.39 -18.06 20.21
CA LYS A 216 -3.78 -17.22 21.32
C LYS A 216 -5.29 -17.14 21.50
N GLU A 217 -6.06 -17.17 20.41
CA GLU A 217 -7.50 -17.10 20.42
C GLU A 217 -8.00 -18.15 19.45
N ASN A 218 -8.86 -19.05 19.91
CA ASN A 218 -9.48 -20.06 19.04
C ASN A 218 -10.65 -19.39 18.30
N ILE A 219 -10.52 -19.22 17.00
CA ILE A 219 -11.49 -18.49 16.19
C ILE A 219 -12.17 -19.48 15.26
N ASP A 220 -13.50 -19.47 15.25
CA ASP A 220 -14.29 -20.13 14.23
C ASP A 220 -14.40 -19.18 13.03
N GLY A 221 -13.64 -19.46 11.95
CA GLY A 221 -13.49 -18.50 10.86
C GLY A 221 -14.79 -18.24 10.12
N GLY A 222 -15.59 -19.29 9.90
CA GLY A 222 -16.90 -19.14 9.28
C GLY A 222 -17.83 -18.27 10.10
N ALA A 223 -17.89 -18.54 11.41
CA ALA A 223 -18.73 -17.73 12.27
C ALA A 223 -18.21 -16.31 12.37
N MET A 224 -16.88 -16.12 12.27
CA MET A 224 -16.33 -14.78 12.44
C MET A 224 -16.63 -13.92 11.22
N HIS A 225 -16.58 -14.52 10.01
CA HIS A 225 -17.01 -13.76 8.85
C HIS A 225 -18.48 -13.39 8.95
N ALA A 226 -19.32 -14.30 9.48
CA ALA A 226 -20.72 -13.95 9.69
C ALA A 226 -20.84 -12.78 10.67
N ASN A 227 -19.97 -12.75 11.69
CA ASN A 227 -19.93 -11.61 12.61
C ASN A 227 -19.47 -10.34 11.91
N TYR A 228 -18.49 -10.44 11.00
CA TYR A 228 -18.04 -9.23 10.28
C TYR A 228 -19.18 -8.65 9.45
N ILE A 229 -19.91 -9.50 8.73
CA ILE A 229 -21.03 -9.05 7.93
C ILE A 229 -22.15 -8.48 8.82
N PHE A 230 -22.41 -9.13 9.97
CA PHE A 230 -23.40 -8.60 10.91
C PHE A 230 -23.00 -7.20 11.38
N TRP A 231 -21.72 -6.99 11.66
CA TRP A 231 -21.21 -5.66 12.01
C TRP A 231 -21.45 -4.65 10.89
N ARG A 232 -21.06 -4.99 9.66
CA ARG A 232 -21.29 -4.06 8.55
C ARG A 232 -22.77 -3.78 8.39
N ASN A 233 -23.61 -4.81 8.52
CA ASN A 233 -25.04 -4.64 8.38
C ASN A 233 -25.63 -3.80 9.51
N SER A 234 -24.92 -3.66 10.64
CA SER A 234 -25.44 -2.96 11.81
C SER A 234 -24.86 -1.57 11.99
N THR A 235 -23.89 -1.15 11.18
CA THR A 235 -23.04 -0.01 11.52
C THR A 235 -23.05 1.06 10.44
N PRO A 236 -23.80 2.16 10.61
CA PRO A 236 -23.72 3.24 9.62
C PRO A 236 -22.29 3.76 9.52
N MET A 237 -21.79 3.84 8.30
CA MET A 237 -20.48 4.40 8.01
C MET A 237 -20.61 5.43 6.89
N ASN A 238 -20.29 6.69 7.19
CA ASN A 238 -20.35 7.77 6.22
C ASN A 238 -19.04 7.86 5.44
N LEU A 239 -19.14 7.95 4.12
CA LEU A 239 -17.94 8.17 3.32
C LEU A 239 -17.26 9.46 3.77
N SER A 240 -15.94 9.43 3.87
CA SER A 240 -15.24 10.62 4.36
C SER A 240 -13.74 10.44 4.17
N THR A 241 -13.06 11.57 3.88
CA THR A 241 -11.60 11.64 3.90
C THR A 241 -11.11 12.75 4.83
N TYR A 242 -11.96 13.22 5.75
CA TYR A 242 -11.55 14.28 6.69
C TYR A 242 -10.24 13.94 7.41
N SER A 243 -10.00 12.66 7.70
CA SER A 243 -8.80 12.28 8.44
C SER A 243 -7.53 12.65 7.68
N LEU A 244 -7.61 12.86 6.37
CA LEU A 244 -6.46 13.26 5.58
C LEU A 244 -6.27 14.77 5.52
N PHE A 245 -7.10 15.52 6.25
CA PHE A 245 -6.97 16.99 6.23
C PHE A 245 -5.72 17.44 6.98
N ASP A 246 -5.29 16.67 7.98
CA ASP A 246 -4.10 16.96 8.78
C ASP A 246 -3.16 15.77 8.70
N LEU A 247 -2.06 15.94 7.97
CA LEU A 247 -1.09 14.87 7.69
C LEU A 247 0.23 15.10 8.40
N SER A 248 0.29 16.04 9.33
CA SER A 248 1.53 16.37 10.03
C SER A 248 2.16 15.15 10.70
N LYS A 249 1.37 14.15 11.09
CA LYS A 249 1.90 12.98 11.79
C LYS A 249 1.64 11.69 11.01
N PHE A 250 1.60 11.78 9.69
CA PHE A 250 1.21 10.61 8.89
C PHE A 250 2.28 9.53 8.87
N GLN A 251 3.56 9.90 8.88
CA GLN A 251 4.61 8.92 8.67
C GLN A 251 4.67 7.91 9.81
N LEU A 252 4.95 6.67 9.48
CA LEU A 252 5.12 5.63 10.48
C LEU A 252 6.24 6.01 11.45
N LYS A 253 5.94 5.90 12.75
CA LYS A 253 6.93 6.23 13.78
C LYS A 253 8.20 5.42 13.57
N LEU A 254 9.36 6.05 13.74
CA LEU A 254 10.67 5.40 13.59
C LEU A 254 11.02 4.71 14.91
N LYS A 255 10.49 3.49 15.10
CA LYS A 255 10.60 2.87 16.42
C LYS A 255 11.94 2.21 16.70
N GLY A 256 12.76 1.96 15.67
CA GLY A 256 13.98 1.20 15.88
C GLY A 256 13.77 -0.15 16.54
N THR A 257 12.69 -0.85 16.19
CA THR A 257 12.39 -2.15 16.83
C THR A 257 13.55 -3.11 16.60
N PRO A 258 14.06 -3.76 17.65
CA PRO A 258 15.16 -4.72 17.45
C PRO A 258 14.71 -6.01 16.79
N VAL A 259 15.62 -6.58 15.99
CA VAL A 259 15.44 -7.90 15.36
C VAL A 259 16.40 -8.87 16.06
N LEU A 260 15.84 -9.92 16.65
CA LEU A 260 16.63 -10.91 17.35
C LEU A 260 16.48 -12.27 16.69
N GLN A 261 17.54 -13.07 16.69
CA GLN A 261 17.42 -14.49 16.35
C GLN A 261 17.35 -15.29 17.64
N LEU A 262 16.33 -16.14 17.74
CA LEU A 262 16.10 -16.96 18.92
C LEU A 262 15.56 -18.33 18.51
N LYS A 263 16.06 -19.38 19.15
CA LYS A 263 15.48 -20.70 18.97
C LYS A 263 14.14 -20.78 19.71
N GLU A 264 13.24 -21.61 19.18
CA GLU A 264 11.86 -21.70 19.69
C GLU A 264 11.83 -21.93 21.19
N SER A 265 12.72 -22.77 21.73
CA SER A 265 12.69 -23.08 23.15
C SER A 265 13.10 -21.90 24.01
N GLN A 266 13.83 -20.94 23.46
CA GLN A 266 14.24 -19.75 24.19
C GLN A 266 13.11 -18.73 24.35
N ILE A 267 11.99 -18.93 23.66
CA ILE A 267 10.90 -17.95 23.68
C ILE A 267 10.17 -18.13 25.01
N ASN A 268 10.48 -17.27 25.99
CA ASN A 268 9.83 -17.28 27.30
C ASN A 268 8.74 -16.22 27.35
N GLU A 269 8.25 -15.95 28.55
CA GLU A 269 7.16 -14.98 28.71
C GLU A 269 7.60 -13.55 28.41
N LEU A 270 8.86 -13.22 28.73
CA LEU A 270 9.36 -11.89 28.42
C LEU A 270 9.30 -11.66 26.91
N VAL A 271 9.80 -12.63 26.14
CA VAL A 271 9.84 -12.51 24.69
C VAL A 271 8.43 -12.32 24.14
N ILE A 272 7.49 -13.15 24.59
CA ILE A 272 6.10 -13.03 24.11
C ILE A 272 5.57 -11.64 24.39
N SER A 273 5.81 -11.13 25.61
CA SER A 273 5.31 -9.81 25.97
C SER A 273 5.88 -8.75 25.04
N LEU A 274 7.19 -8.79 24.80
CA LEU A 274 7.81 -7.84 23.88
C LEU A 274 7.23 -7.96 22.46
N LEU A 275 7.14 -9.18 21.96
CA LEU A 275 6.49 -9.42 20.67
C LEU A 275 5.08 -8.80 20.64
N SER A 276 4.30 -9.03 21.69
CA SER A 276 2.89 -8.61 21.72
C SER A 276 2.75 -7.10 21.83
N GLN A 277 3.78 -6.40 22.28
CA GLN A 277 3.76 -4.94 22.41
C GLN A 277 4.38 -4.21 21.22
N GLY A 278 4.76 -4.92 20.18
CA GLY A 278 5.41 -4.26 19.07
C GLY A 278 6.84 -3.87 19.33
N LYS A 279 7.48 -4.45 20.33
CA LYS A 279 8.82 -4.06 20.74
C LYS A 279 9.90 -5.01 20.28
N LEU A 280 9.56 -6.08 19.56
CA LEU A 280 10.55 -7.06 19.15
C LEU A 280 10.12 -7.81 17.89
N LEU A 281 11.11 -8.12 17.04
CA LEU A 281 10.93 -9.04 15.94
C LEU A 281 11.90 -10.20 16.11
N ILE A 282 11.45 -11.41 15.78
CA ILE A 282 12.31 -12.58 15.75
C ILE A 282 12.34 -13.12 14.32
N ARG A 283 13.52 -13.10 13.71
CA ARG A 283 13.71 -13.62 12.35
C ARG A 283 15.19 -13.53 12.01
N ASP A 284 15.56 -13.97 10.82
CA ASP A 284 16.92 -13.79 10.34
C ASP A 284 17.25 -12.30 10.18
N ASN A 285 18.55 -11.99 10.27
CA ASN A 285 19.06 -10.67 9.92
C ASN A 285 19.92 -10.73 8.66
N ASP A 286 19.66 -11.68 7.78
CA ASP A 286 20.40 -11.85 6.53
C ASP A 286 20.05 -10.73 5.55
N THR A 287 20.46 -10.90 4.30
CA THR A 287 19.99 -10.04 3.22
C THR A 287 18.77 -10.71 2.58
N LEU A 288 17.75 -9.90 2.30
CA LEU A 288 16.49 -10.43 1.80
C LEU A 288 16.61 -10.85 0.34
N SER A 289 15.97 -11.98 0.01
CA SER A 289 15.93 -12.51 -1.34
C SER A 289 14.48 -12.81 -1.67
N VAL A 290 13.93 -12.05 -2.63
CA VAL A 290 12.54 -12.21 -3.03
C VAL A 290 12.47 -12.18 -4.55
N SER A 291 12.28 -13.35 -5.15
CA SER A 291 12.34 -13.49 -6.61
C SER A 291 11.12 -14.26 -7.11
N THR A 292 10.99 -14.34 -8.44
CA THR A 292 9.97 -15.17 -9.06
C THR A 292 10.54 -16.57 -9.29
N ASP A 293 9.70 -17.57 -9.11
CA ASP A 293 10.11 -18.97 -9.25
C ASP A 293 9.60 -19.57 -10.56
N ASN B 10 -3.32 8.10 -23.52
CA ASN B 10 -2.17 7.46 -22.89
C ASN B 10 -1.59 6.39 -23.80
N SER B 11 -2.34 5.29 -23.97
CA SER B 11 -1.87 4.16 -24.77
C SER B 11 -1.45 4.57 -26.19
N SER B 12 -1.76 5.80 -26.61
CA SER B 12 -1.30 6.31 -27.89
C SER B 12 0.05 6.99 -27.79
N VAL B 13 0.20 7.99 -26.92
CA VAL B 13 1.48 8.67 -26.77
C VAL B 13 2.53 7.72 -26.21
N LEU B 14 2.12 6.82 -25.32
CA LEU B 14 3.01 5.75 -24.88
C LEU B 14 3.41 4.87 -26.05
N SER B 15 2.48 4.61 -26.97
CA SER B 15 2.82 3.82 -28.14
C SER B 15 3.76 4.59 -29.06
N LEU B 16 3.56 5.91 -29.16
CA LEU B 16 4.35 6.75 -30.04
C LEU B 16 5.83 6.74 -29.68
N VAL B 17 6.14 6.87 -28.39
CA VAL B 17 7.53 7.03 -27.97
C VAL B 17 8.31 5.70 -28.08
N ASN B 18 7.68 4.68 -28.65
CA ASN B 18 8.35 3.44 -29.03
C ASN B 18 8.66 3.38 -30.53
N PHE B 19 8.38 4.45 -31.27
CA PHE B 19 8.63 4.50 -32.70
C PHE B 19 9.68 5.57 -33.02
N THR B 20 10.54 5.87 -32.05
CA THR B 20 11.47 6.99 -32.15
C THR B 20 12.75 6.67 -31.40
N VAL B 21 13.83 7.36 -31.81
CA VAL B 21 15.14 7.24 -31.16
C VAL B 21 15.35 8.26 -30.06
N ASP B 22 14.47 9.26 -29.94
CA ASP B 22 14.58 10.35 -28.98
C ASP B 22 13.25 10.46 -28.25
N PRO B 23 12.99 9.55 -27.29
CA PRO B 23 11.67 9.56 -26.63
C PRO B 23 11.34 10.88 -25.94
N GLN B 24 12.33 11.53 -25.34
CA GLN B 24 12.09 12.82 -24.70
C GLN B 24 11.56 13.85 -25.72
N LYS B 25 12.23 13.97 -26.87
CA LYS B 25 11.78 14.94 -27.88
C LYS B 25 10.43 14.52 -28.46
N ALA B 26 10.21 13.21 -28.61
CA ALA B 26 8.97 12.73 -29.18
C ALA B 26 7.78 13.11 -28.32
N TYR B 27 7.90 12.89 -26.99
CA TYR B 27 6.83 13.27 -26.08
C TYR B 27 6.60 14.79 -26.11
N LEU B 28 7.68 15.57 -25.99
CA LEU B 28 7.55 17.01 -25.93
C LEU B 28 6.93 17.59 -27.19
N ASP B 29 7.36 17.11 -28.37
CA ASP B 29 6.77 17.57 -29.63
C ASP B 29 5.29 17.23 -29.68
N PHE B 30 4.93 16.05 -29.16
CA PHE B 30 3.53 15.63 -29.15
C PHE B 30 2.69 16.56 -28.27
N VAL B 31 3.09 16.77 -27.02
CA VAL B 31 2.31 17.67 -26.17
C VAL B 31 2.49 19.13 -26.55
N ASN B 32 3.59 19.50 -27.21
CA ASN B 32 3.70 20.88 -27.65
C ASN B 32 2.79 21.18 -28.84
N ALA B 33 2.28 20.15 -29.51
CA ALA B 33 1.43 20.32 -30.67
C ALA B 33 -0.04 20.05 -30.37
N GLY B 34 -0.42 19.96 -29.09
CA GLY B 34 -1.79 19.70 -28.71
C GLY B 34 -2.08 18.30 -28.21
N GLY B 35 -1.09 17.41 -28.15
CA GLY B 35 -1.33 16.07 -27.70
C GLY B 35 -1.74 16.03 -26.25
N ALA B 36 -2.59 15.07 -25.92
CA ALA B 36 -3.04 14.91 -24.53
C ALA B 36 -1.87 14.46 -23.67
N PRO B 37 -1.53 15.18 -22.59
CA PRO B 37 -0.45 14.72 -21.71
C PRO B 37 -0.74 13.33 -21.17
N LEU B 38 0.33 12.68 -20.73
CA LEU B 38 0.18 11.40 -20.06
C LEU B 38 -0.60 11.61 -18.77
N THR B 39 -1.65 10.83 -18.60
CA THR B 39 -2.51 10.91 -17.42
C THR B 39 -2.11 9.82 -16.43
N ASN B 40 -2.82 9.78 -15.31
CA ASN B 40 -2.65 8.76 -14.28
C ASN B 40 -1.30 8.85 -13.60
N CYS B 41 -0.68 10.03 -13.58
CA CYS B 41 0.45 10.21 -12.67
C CYS B 41 -0.05 10.16 -11.23
N VAL B 42 0.73 9.56 -10.35
CA VAL B 42 0.28 9.27 -8.99
C VAL B 42 0.54 10.51 -8.12
N LYS B 43 -0.47 11.36 -8.03
CA LYS B 43 -0.40 12.56 -7.19
C LYS B 43 -0.65 12.21 -5.72
N MET B 44 0.26 12.63 -4.84
CA MET B 44 0.17 12.32 -3.42
C MET B 44 -0.56 13.41 -2.65
N LEU B 45 -1.05 13.06 -1.46
CA LEU B 45 -1.56 14.04 -0.51
C LEU B 45 -0.51 14.27 0.56
N THR B 46 -0.17 15.54 0.79
CA THR B 46 1.04 15.95 1.49
C THR B 46 0.75 17.14 2.37
N PRO B 47 1.46 17.29 3.48
CA PRO B 47 1.47 18.57 4.18
C PRO B 47 2.37 19.51 3.36
N LYS B 48 1.80 20.62 2.92
CA LYS B 48 2.57 21.49 2.05
C LYS B 48 3.66 22.21 2.86
N THR B 49 4.44 21.45 3.63
CA THR B 49 5.43 22.03 4.55
C THR B 49 6.84 21.55 4.24
N GLY B 50 7.10 21.08 3.01
CA GLY B 50 8.38 20.52 2.65
C GLY B 50 9.41 21.56 2.25
N THR B 51 10.60 21.06 1.91
CA THR B 51 11.71 21.93 1.53
C THR B 51 11.56 22.49 0.12
N GLY B 52 10.89 21.76 -0.78
CA GLY B 52 10.68 22.24 -2.13
C GLY B 52 11.70 21.78 -3.15
N ILE B 53 12.63 20.90 -2.75
CA ILE B 53 13.56 20.32 -3.71
C ILE B 53 12.81 19.51 -4.78
N ALA B 54 13.50 19.28 -5.89
CA ALA B 54 12.90 18.60 -7.03
C ALA B 54 12.58 17.15 -6.71
N ILE B 55 13.57 16.39 -6.23
CA ILE B 55 13.46 14.96 -6.05
C ILE B 55 13.85 14.61 -4.61
N SER B 56 13.03 13.82 -3.93
CA SER B 56 13.22 13.64 -2.49
C SER B 56 12.74 12.27 -2.04
N VAL B 57 13.34 11.80 -0.93
CA VAL B 57 13.03 10.46 -0.43
C VAL B 57 11.61 10.42 0.11
N LYS B 58 11.16 11.50 0.73
CA LYS B 58 9.80 11.69 1.22
C LYS B 58 9.23 12.93 0.53
N PRO B 59 7.90 13.07 0.52
CA PRO B 59 7.30 14.26 -0.11
C PRO B 59 7.83 15.55 0.50
N GLU B 60 8.06 16.54 -0.38
CA GLU B 60 8.61 17.83 0.02
C GLU B 60 7.92 19.01 -0.67
N SER B 61 6.63 18.87 -0.98
CA SER B 61 5.91 19.96 -1.62
C SER B 61 5.78 21.17 -0.71
N THR B 62 6.09 22.35 -1.25
CA THR B 62 5.65 23.61 -0.66
C THR B 62 4.19 23.88 -1.01
N ALA B 63 3.65 24.96 -0.46
CA ALA B 63 2.30 25.38 -0.80
C ALA B 63 2.13 25.68 -2.29
N ASP B 64 3.21 25.84 -3.04
CA ASP B 64 3.16 26.11 -4.47
C ASP B 64 3.43 24.90 -5.34
N GLN B 65 3.41 23.70 -4.77
CA GLN B 65 3.89 22.50 -5.44
C GLN B 65 2.91 21.36 -5.22
N GLU B 66 3.06 20.30 -6.01
CA GLU B 66 2.41 19.02 -5.75
C GLU B 66 3.45 17.92 -5.85
N THR B 67 3.26 16.85 -5.09
CA THR B 67 4.22 15.75 -5.07
C THR B 67 3.64 14.55 -5.81
N TYR B 68 4.49 13.92 -6.63
CA TYR B 68 4.11 12.72 -7.34
C TYR B 68 5.05 11.58 -6.95
N GLY B 69 4.51 10.36 -6.96
CA GLY B 69 5.38 9.19 -6.95
C GLY B 69 6.26 9.21 -8.19
N GLY B 70 7.55 8.92 -8.00
CA GLY B 70 8.53 9.25 -9.03
C GLY B 70 8.42 8.40 -10.28
N ALA B 71 8.16 7.09 -10.12
CA ALA B 71 8.03 6.23 -11.28
C ALA B 71 6.88 6.69 -12.18
N SER B 72 5.79 7.16 -11.57
CA SER B 72 4.62 7.55 -12.36
C SER B 72 4.88 8.77 -13.22
N VAL B 73 5.88 9.59 -12.91
CA VAL B 73 6.18 10.76 -13.75
C VAL B 73 7.37 10.53 -14.67
N CYS B 74 7.99 9.35 -14.62
CA CYS B 74 9.11 9.06 -15.51
C CYS B 74 8.62 8.47 -16.81
N LEU B 75 8.90 9.16 -17.94
CA LEU B 75 8.52 8.65 -19.25
C LEU B 75 9.08 7.26 -19.48
N TYR B 76 10.34 7.04 -19.07
CA TYR B 76 11.00 5.78 -19.36
C TYR B 76 10.39 4.65 -18.57
N CYS B 77 10.06 4.90 -17.30
CA CYS B 77 9.30 3.93 -16.51
C CYS B 77 7.93 3.65 -17.12
N ARG B 78 7.18 4.71 -17.43
CA ARG B 78 5.80 4.54 -17.91
C ARG B 78 5.75 3.83 -19.24
N ALA B 79 6.71 4.10 -20.14
CA ALA B 79 6.69 3.51 -21.47
C ALA B 79 7.47 2.20 -21.53
N HIS B 80 8.07 1.78 -20.41
CA HIS B 80 8.86 0.55 -20.32
C HIS B 80 9.96 0.51 -21.38
N ILE B 81 10.76 1.59 -21.43
CA ILE B 81 11.89 1.71 -22.34
C ILE B 81 13.14 2.01 -21.51
N GLU B 82 14.31 1.86 -22.16
CA GLU B 82 15.58 2.04 -21.46
C GLU B 82 15.72 3.46 -20.92
N HIS B 83 16.21 3.57 -19.69
CA HIS B 83 16.54 4.88 -19.16
C HIS B 83 17.82 5.41 -19.81
N PRO B 84 17.92 6.72 -20.04
CA PRO B 84 19.13 7.26 -20.68
C PRO B 84 20.31 7.42 -19.74
N ASP B 85 20.08 7.46 -18.42
CA ASP B 85 21.15 7.59 -17.45
C ASP B 85 22.28 6.59 -17.73
N VAL B 86 23.50 7.10 -17.90
CA VAL B 86 24.66 6.27 -18.14
C VAL B 86 24.81 5.27 -16.99
N SER B 87 24.21 5.58 -15.84
CA SER B 87 24.19 4.67 -14.71
C SER B 87 23.15 3.57 -14.87
N GLY B 88 22.19 3.72 -15.79
CA GLY B 88 21.10 2.77 -15.92
C GLY B 88 20.04 2.86 -14.84
N VAL B 89 20.26 3.68 -13.81
CA VAL B 89 19.35 3.78 -12.68
C VAL B 89 18.47 5.01 -12.85
N CYS B 90 17.16 4.82 -12.69
CA CYS B 90 16.20 5.93 -12.82
C CYS B 90 16.40 6.94 -11.70
N LYS B 91 16.30 8.22 -12.03
CA LYS B 91 16.47 9.26 -11.02
C LYS B 91 15.23 9.44 -10.16
N TYR B 92 14.07 8.98 -10.63
CA TYR B 92 12.78 9.22 -9.97
C TYR B 92 12.24 8.01 -9.24
N LYS B 93 12.47 6.82 -9.76
CA LYS B 93 11.79 5.64 -9.28
C LYS B 93 12.19 5.34 -7.84
N GLY B 94 11.19 5.03 -7.00
CA GLY B 94 11.42 4.84 -5.60
C GLY B 94 11.54 6.11 -4.80
N LYS B 95 11.39 7.27 -5.46
CA LYS B 95 11.49 8.56 -4.80
C LYS B 95 10.23 9.37 -5.13
N PHE B 96 10.20 10.61 -4.62
CA PHE B 96 9.10 11.53 -4.87
C PHE B 96 9.62 12.76 -5.60
N VAL B 97 8.78 13.30 -6.49
CA VAL B 97 9.20 14.42 -7.33
C VAL B 97 8.20 15.57 -7.18
N GLN B 98 8.69 16.75 -6.87
CA GLN B 98 7.86 17.92 -6.69
C GLN B 98 7.66 18.62 -8.02
N ILE B 99 6.41 19.01 -8.30
CA ILE B 99 6.08 19.73 -9.54
C ILE B 99 5.47 21.07 -9.14
N PRO B 100 5.87 22.18 -9.78
CA PRO B 100 5.15 23.46 -9.57
C PRO B 100 3.66 23.25 -9.80
N ALA B 101 2.85 23.87 -8.95
CA ALA B 101 1.41 23.60 -8.98
C ALA B 101 0.80 24.06 -10.31
N GLN B 102 1.35 25.10 -10.92
CA GLN B 102 0.82 25.55 -12.20
C GLN B 102 1.14 24.61 -13.35
N CYS B 103 1.87 23.51 -13.10
CA CYS B 103 2.27 22.61 -14.18
C CYS B 103 1.67 21.21 -14.03
N VAL B 104 0.68 21.01 -13.16
CA VAL B 104 0.13 19.68 -12.91
C VAL B 104 -0.63 19.11 -14.11
N ARG B 105 -0.88 19.92 -15.13
CA ARG B 105 -1.56 19.43 -16.33
C ARG B 105 -0.71 18.39 -17.06
N ASP B 106 0.61 18.47 -16.94
CA ASP B 106 1.51 17.57 -17.63
C ASP B 106 2.77 17.38 -16.77
N PRO B 107 2.63 16.59 -15.69
CA PRO B 107 3.82 16.33 -14.86
C PRO B 107 4.98 15.73 -15.65
N VAL B 108 4.69 14.79 -16.55
CA VAL B 108 5.75 14.15 -17.32
C VAL B 108 6.44 15.18 -18.22
N GLY B 109 5.65 15.93 -18.97
CA GLY B 109 6.23 16.99 -19.80
C GLY B 109 7.10 17.94 -19.00
N PHE B 110 6.67 18.30 -17.79
CA PHE B 110 7.49 19.19 -16.96
C PHE B 110 8.83 18.54 -16.64
N CYS B 111 8.81 17.26 -16.25
CA CYS B 111 10.05 16.59 -15.87
C CYS B 111 11.00 16.44 -17.06
N LEU B 112 10.47 16.14 -18.24
CA LEU B 112 11.32 16.04 -19.41
C LEU B 112 11.92 17.40 -19.78
N SER B 113 11.21 18.49 -19.44
CA SER B 113 11.57 19.82 -19.88
C SER B 113 12.53 20.55 -18.94
N ASN B 114 12.78 20.03 -17.74
CA ASN B 114 13.56 20.75 -16.75
C ASN B 114 14.60 19.84 -16.12
N THR B 115 15.51 20.45 -15.34
CA THR B 115 16.63 19.73 -14.71
C THR B 115 16.88 20.30 -13.32
N PRO B 116 17.01 19.46 -12.29
CA PRO B 116 17.35 19.98 -10.96
C PRO B 116 18.75 20.58 -10.93
N CYS B 117 18.92 21.59 -10.09
CA CYS B 117 20.22 22.22 -9.93
C CYS B 117 21.25 21.22 -9.41
N ASN B 118 22.42 21.21 -10.04
CA ASN B 118 23.45 20.24 -9.69
C ASN B 118 24.04 20.49 -8.31
N VAL B 119 23.88 21.68 -7.73
CA VAL B 119 24.43 21.99 -6.43
C VAL B 119 23.32 22.16 -5.38
N CYS B 120 22.20 22.79 -5.73
CA CYS B 120 21.16 23.07 -4.73
C CYS B 120 19.97 22.11 -4.79
N GLN B 121 19.84 21.32 -5.85
CA GLN B 121 18.82 20.26 -6.02
C GLN B 121 17.39 20.80 -6.14
N TYR B 122 17.19 22.10 -6.16
CA TYR B 122 15.90 22.65 -6.57
C TYR B 122 15.83 22.72 -8.09
N TRP B 123 14.61 22.80 -8.62
CA TRP B 123 14.42 22.90 -10.06
C TRP B 123 15.02 24.20 -10.57
N ILE B 124 15.83 24.10 -11.63
CA ILE B 124 16.34 25.30 -12.28
C ILE B 124 15.15 26.11 -12.82
N GLY B 125 15.04 27.35 -12.38
CA GLY B 125 13.94 28.21 -12.78
C GLY B 125 12.68 28.05 -11.96
N TYR B 126 12.65 27.11 -11.02
CA TYR B 126 11.50 26.91 -10.15
C TYR B 126 11.97 26.55 -8.74
N GLY B 127 12.88 27.37 -8.21
CA GLY B 127 13.41 27.11 -6.88
C GLY B 127 14.90 27.35 -6.76
N CYS B 128 15.65 27.02 -7.81
CA CYS B 128 17.10 27.20 -7.75
C CYS B 128 17.45 28.67 -7.62
N ASN B 129 18.19 29.00 -6.56
CA ASN B 129 18.59 30.37 -6.27
C ASN B 129 20.10 30.56 -6.36
N CYS B 130 20.79 29.71 -7.11
CA CYS B 130 22.24 29.81 -7.24
C CYS B 130 22.63 30.82 -8.31
N SAH C . -3.77 -2.06 -4.87
CA SAH C . -4.09 -1.63 -6.23
CB SAH C . -5.46 -2.13 -6.71
CG SAH C . -5.46 -3.66 -6.88
SD SAH C . -7.09 -4.25 -7.43
C SAH C . -4.06 -0.11 -6.30
O SAH C . -4.73 0.39 -7.25
OXT SAH C . -3.40 0.51 -5.42
C5' SAH C . -6.93 -6.02 -7.04
C4' SAH C . -5.67 -6.64 -7.66
O4' SAH C . -5.57 -8.02 -7.22
C3' SAH C . -5.80 -6.73 -9.21
O3' SAH C . -4.79 -5.90 -9.75
C2' SAH C . -5.46 -8.19 -9.42
O2' SAH C . -4.68 -8.39 -10.60
C1' SAH C . -4.69 -8.58 -8.17
N9 SAH C . -4.63 -10.07 -7.98
C8 SAH C . -5.69 -10.87 -7.91
N7 SAH C . -5.28 -12.12 -7.75
C5 SAH C . -3.94 -12.11 -7.70
C6 SAH C . -3.03 -13.11 -7.56
N6 SAH C . -3.49 -14.36 -7.42
N1 SAH C . -1.71 -12.86 -7.55
C2 SAH C . -1.28 -11.53 -7.71
N3 SAH C . -2.24 -10.51 -7.86
C4 SAH C . -3.54 -10.84 -7.86
N2 GTA D . -27.15 -4.33 -3.48
O6 GTA D . -24.10 -3.82 -0.06
C6 GTA D . -24.44 -4.43 -1.08
C5 GTA D . -23.72 -5.44 -1.60
N7 GTA D . -22.56 -6.02 -1.24
C7 GTA D . -21.73 -5.66 -0.07
C8 GTA D . -22.29 -6.99 -2.13
N9 GTA D . -23.26 -7.00 -3.04
C4 GTA D . -24.15 -6.06 -2.73
N3 GTA D . -25.27 -5.69 -3.35
C2 GTA D . -26.03 -4.70 -2.87
N1 GTA D . -25.62 -4.04 -1.71
O3A GTA D . -20.96 -7.36 -6.78
C1A GTA D . -23.46 -7.91 -4.23
C2A GTA D . -23.10 -7.31 -5.57
C3A GTA D . -21.60 -7.53 -5.49
C4A GTA D . -21.59 -8.99 -5.11
C5A GTA D . -20.15 -9.39 -4.69
O4A GTA D . -22.54 -9.04 -4.03
O2A GTA D . -23.67 -8.15 -6.60
P1 GTA D . -18.20 -8.40 -3.22
O11 GTA D . -17.68 -9.49 -2.33
O12 GTA D . -17.51 -8.08 -4.49
O13 GTA D . -18.19 -7.08 -2.29
O15 GTA D . -19.75 -8.58 -3.57
P2 GTA D . -18.38 -5.57 -2.81
O22 GTA D . -18.62 -4.77 -1.56
O21 GTA D . -19.39 -5.56 -3.87
O23 GTA D . -16.88 -5.23 -3.35
P3 GTA D . -16.43 -3.94 -4.29
O32 GTA D . -17.10 -4.03 -5.61
O31 GTA D . -16.54 -2.70 -3.50
O33 GTA D . -14.87 -4.27 -4.46
C5B GTA D . -13.93 -4.00 -3.39
C4B GTA D . -12.50 -4.11 -3.92
O4B GTA D . -12.36 -5.37 -4.60
C3B GTA D . -12.27 -3.11 -5.04
O3B GTA D . -11.99 -1.86 -4.46
C2B GTA D . -11.03 -3.67 -5.68
O2B GTA D . -9.87 -3.54 -4.84
C1B GTA D . -11.43 -5.13 -5.72
N9C GTA D . -12.21 -5.44 -6.90
C8C GTA D . -13.52 -5.38 -7.15
N7C GTA D . -13.69 -5.80 -8.42
C5C GTA D . -12.50 -6.13 -8.93
C6C GTA D . -12.13 -6.60 -10.12
N6C GTA D . -13.10 -6.80 -11.02
N1C GTA D . -10.84 -6.86 -10.41
C2C GTA D . -9.86 -6.64 -9.44
N3C GTA D . -10.28 -6.14 -8.19
C4C GTA D . -11.58 -5.89 -7.97
ZN ZN E . 12.24 5.80 -14.65
ZN ZN F . 20.84 25.92 -7.40
#